data_8AFK
#
_entry.id   8AFK
#
_cell.length_a   77.806
_cell.length_b   98.708
_cell.length_c   156.833
_cell.angle_alpha   90.000
_cell.angle_beta   90.000
_cell.angle_gamma   90.000
#
_symmetry.space_group_name_H-M   'I 2 2 2'
#
loop_
_entity.id
_entity.type
_entity.pdbx_description
1 polymer 'Near-infrared fluorescent protein'
2 non-polymer PHYCOCYANOBILIN
3 water water
#
_entity_poly.entity_id   1
_entity_poly.type   'polypeptide(L)'
_entity_poly.pdbx_seq_one_letter_code
;MAEGSVARQPDLLTSDDEPIHIPGAIQPHGLLLALAADMTIVAGSDNLPELTGLAIGALIGRSAADVFDSETHNRLTIAL
AEPGAAVGAPITVGFTMRKDAGFIGSWHRHDQLIFLELEPPQRDVAEPQAFFRRTRSAIRRLQAAETLESACAAAAQEVR
KITGFDRVMIYRFASDFSGEVIAEDRCAEVESKLGLHYPASTVPAQARRLYTINPVRIIPDINYRPVPVTPDLNPVTGRP
IDLSFAILRSVSPCHLEFMRNIGMHGTMSISILRGERLWGLIVCHHRTPYYVDLDGRQACELVAQVLAWQIGVMEE
;
_entity_poly.pdbx_strand_id   A,B
#
# COMPACT_ATOMS: atom_id res chain seq x y z
N PRO A 23 -5.66 25.30 -19.15
CA PRO A 23 -6.06 25.02 -17.76
C PRO A 23 -7.31 24.14 -17.62
N GLY A 24 -7.61 23.74 -16.38
CA GLY A 24 -8.73 22.85 -16.08
C GLY A 24 -8.29 21.41 -16.08
N ALA A 25 -7.48 21.03 -15.05
CA ALA A 25 -6.96 19.67 -14.99
C ALA A 25 -6.84 19.11 -13.54
N ILE A 26 -6.82 17.78 -13.44
CA ILE A 26 -6.73 17.03 -12.20
C ILE A 26 -5.53 16.04 -12.22
N GLN A 27 -5.19 15.48 -11.05
CA GLN A 27 -4.16 14.48 -10.93
C GLN A 27 -4.78 13.14 -11.39
N PRO A 28 -4.02 12.29 -12.07
CA PRO A 28 -4.58 11.04 -12.63
C PRO A 28 -5.04 9.90 -11.72
N HIS A 29 -4.80 9.97 -10.39
N HIS A 29 -4.81 9.98 -10.39
CA HIS A 29 -5.17 8.85 -9.52
CA HIS A 29 -5.16 8.90 -9.47
C HIS A 29 -6.69 8.67 -9.29
C HIS A 29 -6.68 8.70 -9.26
N GLY A 30 -7.50 9.47 -9.95
CA GLY A 30 -8.95 9.36 -9.83
C GLY A 30 -9.70 9.94 -11.01
N LEU A 31 -11.04 9.85 -10.96
CA LEU A 31 -11.93 10.40 -11.98
C LEU A 31 -12.72 11.57 -11.45
N LEU A 32 -13.00 12.56 -12.28
CA LEU A 32 -13.89 13.64 -11.90
C LEU A 32 -14.98 13.70 -12.93
N LEU A 33 -16.22 13.54 -12.49
CA LEU A 33 -17.41 13.75 -13.29
C LEU A 33 -18.06 14.99 -12.70
N ALA A 34 -18.58 15.89 -13.56
CA ALA A 34 -19.25 17.09 -13.05
C ALA A 34 -20.70 17.11 -13.52
N LEU A 35 -21.63 17.08 -12.58
CA LEU A 35 -23.06 17.10 -12.88
C LEU A 35 -23.63 18.50 -12.69
N ALA A 36 -24.65 18.86 -13.47
CA ALA A 36 -25.36 20.13 -13.27
C ALA A 36 -26.31 19.95 -12.05
N ALA A 37 -26.86 21.04 -11.50
CA ALA A 37 -27.75 20.95 -10.32
C ALA A 37 -28.92 19.95 -10.47
N ASP A 38 -29.34 19.64 -11.72
CA ASP A 38 -30.40 18.69 -12.02
C ASP A 38 -29.94 17.22 -12.24
N MET A 39 -28.62 16.98 -12.11
CA MET A 39 -27.92 15.69 -12.21
C MET A 39 -27.61 15.21 -13.66
N THR A 40 -27.49 16.16 -14.60
CA THR A 40 -27.10 15.82 -15.98
C THR A 40 -25.57 15.93 -16.05
N ILE A 41 -24.90 14.96 -16.70
CA ILE A 41 -23.43 15.03 -16.79
C ILE A 41 -22.98 16.12 -17.75
N VAL A 42 -22.36 17.20 -17.23
CA VAL A 42 -21.90 18.31 -18.07
C VAL A 42 -20.37 18.35 -18.30
N ALA A 43 -19.57 17.61 -17.51
CA ALA A 43 -18.11 17.62 -17.65
C ALA A 43 -17.45 16.32 -17.14
N GLY A 44 -16.23 16.05 -17.58
CA GLY A 44 -15.53 14.84 -17.18
C GLY A 44 -14.04 14.88 -17.46
N SER A 45 -13.27 14.14 -16.66
CA SER A 45 -11.83 14.07 -16.84
C SER A 45 -11.55 13.08 -17.97
N ASP A 46 -10.56 13.39 -18.81
CA ASP A 46 -10.23 12.59 -19.98
C ASP A 46 -9.85 11.13 -19.72
N ASN A 47 -9.69 10.72 -18.46
CA ASN A 47 -9.32 9.34 -18.13
C ASN A 47 -10.51 8.42 -17.82
N LEU A 48 -11.75 8.87 -18.11
CA LEU A 48 -12.95 8.05 -17.92
C LEU A 48 -12.98 6.75 -18.75
N PRO A 49 -12.60 6.71 -20.06
CA PRO A 49 -12.63 5.43 -20.79
C PRO A 49 -11.61 4.42 -20.25
N GLU A 50 -10.47 4.92 -19.80
CA GLU A 50 -9.35 4.15 -19.27
C GLU A 50 -9.68 3.47 -17.93
N LEU A 51 -10.65 4.01 -17.16
CA LEU A 51 -11.00 3.43 -15.86
C LEU A 51 -12.42 2.82 -15.81
N THR A 52 -13.35 3.32 -16.62
CA THR A 52 -14.73 2.81 -16.63
C THR A 52 -15.08 1.98 -17.87
N GLY A 53 -14.68 2.47 -19.05
CA GLY A 53 -14.98 1.84 -20.32
C GLY A 53 -15.76 2.76 -21.25
N LEU A 54 -16.62 3.63 -20.68
CA LEU A 54 -17.44 4.56 -21.46
C LEU A 54 -16.66 5.79 -21.93
N ALA A 55 -17.09 6.39 -23.05
CA ALA A 55 -16.43 7.57 -23.60
C ALA A 55 -16.92 8.88 -22.96
N ILE A 56 -16.08 9.94 -22.98
CA ILE A 56 -16.42 11.25 -22.41
C ILE A 56 -17.60 11.91 -23.15
N GLY A 57 -17.55 11.93 -24.49
CA GLY A 57 -18.62 12.47 -25.33
C GLY A 57 -19.89 11.65 -25.27
N ALA A 58 -19.74 10.32 -25.06
CA ALA A 58 -20.86 9.37 -24.89
C ALA A 58 -21.44 9.41 -23.45
N LEU A 59 -21.11 10.47 -22.67
CA LEU A 59 -21.56 10.69 -21.30
C LEU A 59 -21.95 12.15 -21.08
N ILE A 60 -21.44 13.10 -21.88
CA ILE A 60 -21.83 14.51 -21.75
C ILE A 60 -23.29 14.62 -22.25
N GLY A 61 -24.14 15.26 -21.45
CA GLY A 61 -25.55 15.39 -21.77
C GLY A 61 -26.40 14.22 -21.31
N ARG A 62 -25.76 13.10 -20.93
CA ARG A 62 -26.44 11.89 -20.46
C ARG A 62 -26.99 12.09 -19.05
N SER A 63 -28.09 11.40 -18.74
CA SER A 63 -28.70 11.51 -17.41
C SER A 63 -27.97 10.62 -16.43
N ALA A 64 -27.95 11.03 -15.16
CA ALA A 64 -27.35 10.19 -14.12
C ALA A 64 -28.18 8.90 -13.94
N ALA A 65 -29.50 8.93 -14.22
CA ALA A 65 -30.38 7.76 -14.10
C ALA A 65 -29.99 6.66 -15.11
N ASP A 66 -29.50 7.06 -16.28
CA ASP A 66 -29.05 6.10 -17.28
C ASP A 66 -27.64 5.56 -16.93
N VAL A 67 -26.72 6.45 -16.55
CA VAL A 67 -25.32 6.04 -16.34
C VAL A 67 -25.06 5.26 -15.03
N PHE A 68 -25.68 5.63 -13.91
CA PHE A 68 -25.44 4.95 -12.65
C PHE A 68 -26.50 3.90 -12.37
N ASP A 69 -26.16 2.83 -11.62
CA ASP A 69 -27.13 1.79 -11.27
C ASP A 69 -28.27 2.35 -10.37
N SER A 70 -29.36 1.58 -10.17
CA SER A 70 -30.49 2.09 -9.41
C SER A 70 -30.12 2.45 -7.99
N GLU A 71 -29.33 1.60 -7.33
CA GLU A 71 -28.92 1.87 -5.95
C GLU A 71 -28.00 3.05 -5.83
N THR A 72 -27.10 3.24 -6.83
CA THR A 72 -26.17 4.37 -6.84
C THR A 72 -26.91 5.67 -7.08
N HIS A 73 -27.80 5.67 -8.08
CA HIS A 73 -28.63 6.83 -8.38
C HIS A 73 -29.50 7.21 -7.17
N ASN A 74 -29.99 6.20 -6.44
CA ASN A 74 -30.75 6.40 -5.22
C ASN A 74 -29.87 7.08 -4.15
N ARG A 75 -28.66 6.55 -3.89
CA ARG A 75 -27.72 7.18 -2.95
C ARG A 75 -27.42 8.64 -3.35
N LEU A 76 -27.17 8.89 -4.64
CA LEU A 76 -26.88 10.23 -5.15
C LEU A 76 -28.06 11.18 -4.95
N THR A 77 -29.28 10.74 -5.29
CA THR A 77 -30.49 11.53 -5.17
C THR A 77 -30.75 11.85 -3.72
N ILE A 78 -30.62 10.86 -2.83
CA ILE A 78 -30.82 11.06 -1.39
C ILE A 78 -29.82 12.10 -0.84
N ALA A 79 -28.53 11.95 -1.19
CA ALA A 79 -27.51 12.87 -0.72
C ALA A 79 -27.74 14.28 -1.25
N LEU A 80 -28.14 14.41 -2.52
CA LEU A 80 -28.36 15.72 -3.11
C LEU A 80 -29.75 16.32 -2.83
N ALA A 81 -30.67 15.57 -2.19
CA ALA A 81 -32.02 16.04 -1.87
C ALA A 81 -32.01 17.26 -0.93
N GLU A 82 -30.97 17.38 -0.08
CA GLU A 82 -30.81 18.57 0.74
C GLU A 82 -29.92 19.49 -0.12
N PRO A 83 -30.45 20.60 -0.68
CA PRO A 83 -29.61 21.47 -1.51
C PRO A 83 -28.66 22.40 -0.74
N GLY A 84 -28.71 22.33 0.60
CA GLY A 84 -27.83 23.09 1.47
C GLY A 84 -26.50 22.37 1.63
N ALA A 85 -26.54 21.02 1.69
CA ALA A 85 -25.37 20.13 1.84
C ALA A 85 -24.30 20.36 0.77
N ALA A 86 -23.13 20.83 1.20
CA ALA A 86 -22.00 21.16 0.34
C ALA A 86 -21.04 19.99 0.10
N VAL A 87 -21.02 19.01 1.00
CA VAL A 87 -20.13 17.85 0.88
C VAL A 87 -20.86 16.58 1.32
N GLY A 88 -20.41 15.45 0.80
CA GLY A 88 -21.04 14.18 1.11
C GLY A 88 -20.11 13.08 1.53
N ALA A 89 -20.63 12.22 2.41
CA ALA A 89 -19.93 11.03 2.88
C ALA A 89 -19.67 10.09 1.68
N PRO A 90 -18.57 9.30 1.71
CA PRO A 90 -18.26 8.40 0.60
C PRO A 90 -19.43 7.59 0.07
N ILE A 91 -19.71 7.74 -1.22
CA ILE A 91 -20.79 7.04 -1.90
C ILE A 91 -20.21 5.94 -2.74
N THR A 92 -20.77 4.73 -2.65
CA THR A 92 -20.38 3.65 -3.54
C THR A 92 -20.99 4.01 -4.92
N VAL A 93 -20.15 4.19 -5.92
CA VAL A 93 -20.59 4.56 -7.25
C VAL A 93 -20.43 3.39 -8.21
N GLY A 94 -21.56 2.89 -8.66
CA GLY A 94 -21.63 1.80 -9.63
C GLY A 94 -22.34 2.28 -10.87
N PHE A 95 -21.85 1.86 -12.04
CA PHE A 95 -22.45 2.23 -13.32
C PHE A 95 -23.36 1.12 -13.84
N THR A 96 -24.20 1.42 -14.85
CA THR A 96 -25.05 0.41 -15.48
C THR A 96 -24.19 -0.60 -16.29
N MET A 97 -23.03 -0.17 -16.82
CA MET A 97 -22.10 -1.06 -17.52
C MET A 97 -20.97 -1.55 -16.58
N ARG A 98 -21.36 -2.25 -15.49
CA ARG A 98 -20.43 -2.79 -14.50
C ARG A 98 -20.92 -4.16 -14.01
N ALA A 101 -18.76 -4.36 -9.86
CA ALA A 101 -17.73 -3.31 -9.81
C ALA A 101 -18.24 -2.08 -9.03
N GLY A 102 -17.35 -1.41 -8.31
CA GLY A 102 -17.73 -0.25 -7.53
C GLY A 102 -16.61 0.69 -7.14
N PHE A 103 -16.76 1.96 -7.48
CA PHE A 103 -15.81 3.00 -7.13
C PHE A 103 -16.21 3.64 -5.79
N ILE A 104 -15.22 4.20 -5.09
CA ILE A 104 -15.49 4.92 -3.84
C ILE A 104 -15.49 6.40 -4.25
N GLY A 105 -16.61 7.07 -4.01
CA GLY A 105 -16.77 8.44 -4.48
C GLY A 105 -17.04 9.50 -3.45
N SER A 106 -16.63 10.73 -3.76
CA SER A 106 -16.84 11.90 -2.92
C SER A 106 -17.50 12.95 -3.78
N TRP A 107 -18.54 13.62 -3.27
CA TRP A 107 -19.13 14.71 -4.00
C TRP A 107 -19.00 16.02 -3.26
N HIS A 108 -18.93 17.10 -4.00
CA HIS A 108 -18.83 18.45 -3.46
C HIS A 108 -19.72 19.35 -4.33
N ARG A 109 -20.29 20.37 -3.74
CA ARG A 109 -21.08 21.35 -4.48
C ARG A 109 -20.23 22.60 -4.49
N HIS A 110 -19.99 23.13 -5.67
CA HIS A 110 -19.19 24.32 -5.83
C HIS A 110 -19.44 24.91 -7.19
N ASP A 111 -19.49 26.25 -7.30
CA ASP A 111 -19.69 26.93 -8.57
C ASP A 111 -20.95 26.42 -9.31
N GLN A 112 -22.03 26.16 -8.55
CA GLN A 112 -23.32 25.69 -9.05
C GLN A 112 -23.24 24.34 -9.81
N LEU A 113 -22.26 23.53 -9.47
CA LEU A 113 -22.11 22.19 -10.06
C LEU A 113 -21.94 21.17 -8.93
N ILE A 114 -22.21 19.90 -9.24
CA ILE A 114 -22.03 18.79 -8.32
C ILE A 114 -20.82 18.00 -8.83
N PHE A 115 -19.70 18.06 -8.12
CA PHE A 115 -18.49 17.34 -8.52
C PHE A 115 -18.48 15.96 -7.90
N LEU A 116 -18.47 14.92 -8.70
CA LEU A 116 -18.40 13.55 -8.21
C LEU A 116 -16.99 13.02 -8.55
N GLU A 117 -16.18 12.74 -7.53
CA GLU A 117 -14.81 12.29 -7.67
C GLU A 117 -14.63 10.84 -7.25
N LEU A 118 -14.10 10.02 -8.15
CA LEU A 118 -13.97 8.60 -7.92
C LEU A 118 -12.58 8.07 -7.76
N GLU A 119 -12.37 7.29 -6.71
CA GLU A 119 -11.13 6.58 -6.54
C GLU A 119 -11.37 5.18 -7.09
N PRO A 120 -10.41 4.67 -7.88
CA PRO A 120 -10.58 3.30 -8.40
C PRO A 120 -10.49 2.29 -7.27
N PRO A 121 -11.23 1.19 -7.38
CA PRO A 121 -11.16 0.17 -6.32
C PRO A 121 -9.88 -0.66 -6.33
N GLN A 122 -9.02 -0.53 -7.38
CA GLN A 122 -7.76 -1.25 -7.55
C GLN A 122 -6.70 -0.86 -6.50
N ARG A 123 -6.59 -1.62 -5.42
CA ARG A 123 -5.62 -1.34 -4.36
C ARG A 123 -4.23 -1.84 -4.74
N ASP A 124 -3.19 -1.07 -4.44
CA ASP A 124 -1.80 -1.45 -4.69
C ASP A 124 -1.30 -2.22 -3.45
N VAL A 125 -0.40 -3.20 -3.64
CA VAL A 125 0.18 -3.98 -2.55
C VAL A 125 1.05 -3.09 -1.61
N ALA A 126 1.63 -2.03 -2.13
CA ALA A 126 2.43 -1.08 -1.34
C ALA A 126 1.54 -0.15 -0.48
N GLU A 127 0.26 0.01 -0.84
CA GLU A 127 -0.62 0.92 -0.15
C GLU A 127 -1.20 0.34 1.14
N PRO A 128 -1.35 1.19 2.16
CA PRO A 128 -1.91 0.70 3.43
C PRO A 128 -3.40 0.46 3.34
N GLN A 129 -3.88 -0.38 4.22
CA GLN A 129 -5.28 -0.70 4.39
C GLN A 129 -5.50 -0.97 5.93
N ALA A 130 -6.72 -1.36 6.33
CA ALA A 130 -7.04 -1.69 7.72
C ALA A 130 -6.64 -0.61 8.75
N PHE A 131 -7.18 0.60 8.57
CA PHE A 131 -6.92 1.75 9.41
C PHE A 131 -7.63 1.78 10.76
N PHE A 132 -8.75 1.08 10.93
CA PHE A 132 -9.53 1.10 12.16
C PHE A 132 -8.74 0.86 13.46
N ARG A 133 -8.10 -0.31 13.61
CA ARG A 133 -7.34 -0.63 14.82
C ARG A 133 -6.24 0.35 15.11
N ARG A 134 -5.43 0.67 14.09
CA ARG A 134 -4.33 1.60 14.22
C ARG A 134 -4.82 3.02 14.58
N THR A 135 -6.03 3.40 14.13
CA THR A 135 -6.60 4.74 14.41
C THR A 135 -7.14 4.80 15.85
N ARG A 136 -7.89 3.77 16.27
CA ARG A 136 -8.41 3.66 17.65
C ARG A 136 -7.27 3.73 18.66
N SER A 137 -6.16 3.06 18.34
CA SER A 137 -4.94 3.01 19.12
C SER A 137 -4.26 4.37 19.14
N ALA A 138 -4.23 5.06 17.99
CA ALA A 138 -3.63 6.38 17.86
C ALA A 138 -4.33 7.38 18.75
N ILE A 139 -5.67 7.31 18.79
CA ILE A 139 -6.53 8.20 19.58
C ILE A 139 -6.37 7.89 21.09
N ARG A 140 -6.29 6.60 21.42
CA ARG A 140 -6.03 6.16 22.81
C ARG A 140 -4.69 6.70 23.29
N ARG A 141 -3.66 6.66 22.43
CA ARG A 141 -2.32 7.15 22.75
C ARG A 141 -2.29 8.66 22.83
N LEU A 142 -3.02 9.33 21.91
CA LEU A 142 -3.07 10.77 21.82
C LEU A 142 -3.72 11.38 23.05
N GLN A 143 -4.78 10.75 23.56
CA GLN A 143 -5.49 11.28 24.72
C GLN A 143 -4.58 11.33 25.95
N ALA A 144 -3.71 10.33 26.11
CA ALA A 144 -2.76 10.18 27.19
C ALA A 144 -1.58 11.14 27.12
N ALA A 145 -1.44 11.92 26.03
CA ALA A 145 -0.34 12.87 25.91
C ALA A 145 -0.56 14.02 26.89
N GLU A 146 0.47 14.30 27.73
CA GLU A 146 0.39 15.27 28.83
C GLU A 146 0.58 16.72 28.46
N THR A 147 1.40 17.02 27.46
CA THR A 147 1.68 18.39 27.07
C THR A 147 1.33 18.67 25.60
N LEU A 148 1.35 19.94 25.16
CA LEU A 148 1.10 20.28 23.76
C LEU A 148 2.20 19.66 22.88
N GLU A 149 3.46 19.73 23.36
CA GLU A 149 4.65 19.19 22.71
C GLU A 149 4.53 17.68 22.56
N SER A 150 4.16 16.98 23.64
CA SER A 150 4.06 15.52 23.59
C SER A 150 2.79 15.04 22.85
N ALA A 151 1.74 15.88 22.74
CA ALA A 151 0.56 15.51 21.95
C ALA A 151 0.90 15.63 20.45
N CYS A 152 1.71 16.65 20.05
CA CYS A 152 2.12 16.82 18.65
C CYS A 152 3.13 15.73 18.24
N ALA A 153 3.98 15.28 19.18
CA ALA A 153 4.93 14.21 18.92
C ALA A 153 4.16 12.92 18.75
N ALA A 154 3.20 12.64 19.63
CA ALA A 154 2.37 11.44 19.49
C ALA A 154 1.52 11.49 18.22
N ALA A 155 0.96 12.65 17.85
CA ALA A 155 0.15 12.76 16.62
C ALA A 155 1.01 12.43 15.39
N ALA A 156 2.22 13.00 15.29
CA ALA A 156 3.15 12.65 14.20
C ALA A 156 3.43 11.12 14.15
N GLN A 157 3.84 10.52 15.30
CA GLN A 157 4.14 9.09 15.35
C GLN A 157 2.94 8.26 14.98
N GLU A 158 1.75 8.60 15.51
CA GLU A 158 0.53 7.86 15.26
C GLU A 158 0.05 7.94 13.80
N VAL A 159 0.10 9.14 13.18
CA VAL A 159 -0.22 9.29 11.76
C VAL A 159 0.72 8.46 10.88
N ARG A 160 2.01 8.43 11.21
CA ARG A 160 2.97 7.57 10.51
C ARG A 160 2.60 6.07 10.63
N LYS A 161 2.12 5.61 11.80
CA LYS A 161 1.68 4.21 11.98
C LYS A 161 0.44 3.92 11.15
N ILE A 162 -0.52 4.85 11.16
CA ILE A 162 -1.75 4.67 10.41
C ILE A 162 -1.47 4.60 8.90
N THR A 163 -0.59 5.48 8.41
CA THR A 163 -0.38 5.63 6.98
C THR A 163 0.79 4.89 6.37
N GLY A 164 1.91 4.76 7.06
CA GLY A 164 3.10 4.18 6.47
C GLY A 164 3.96 5.21 5.74
N PHE A 165 3.62 6.52 5.84
CA PHE A 165 4.43 7.57 5.21
C PHE A 165 5.87 7.55 5.77
N ASP A 166 6.88 7.94 4.96
CA ASP A 166 8.27 7.90 5.41
C ASP A 166 8.53 8.89 6.51
N ARG A 167 7.90 10.07 6.44
CA ARG A 167 8.12 11.10 7.43
C ARG A 167 6.81 11.86 7.68
N VAL A 168 6.45 12.07 8.95
CA VAL A 168 5.24 12.81 9.30
C VAL A 168 5.66 13.90 10.27
N MET A 169 5.33 15.15 9.97
CA MET A 169 5.70 16.29 10.78
C MET A 169 4.48 17.13 11.24
N ILE A 170 4.65 17.87 12.33
CA ILE A 170 3.64 18.83 12.77
C ILE A 170 4.26 20.19 12.45
N TYR A 171 3.65 20.89 11.52
CA TYR A 171 4.12 22.17 11.06
C TYR A 171 3.17 23.21 11.68
N ARG A 172 3.64 23.97 12.67
CA ARG A 172 2.78 24.95 13.34
C ARG A 172 2.89 26.33 12.71
N PHE A 173 1.77 27.03 12.57
CA PHE A 173 1.78 28.38 12.02
C PHE A 173 1.97 29.45 13.14
N ALA A 174 2.83 30.43 12.87
CA ALA A 174 3.07 31.60 13.73
C ALA A 174 2.08 32.72 13.27
N SER A 175 1.97 33.83 14.02
CA SER A 175 1.05 34.89 13.66
C SER A 175 1.31 35.47 12.27
N ASP A 176 2.59 35.55 11.84
CA ASP A 176 2.89 36.03 10.49
C ASP A 176 2.76 34.97 9.41
N PHE A 177 2.12 33.81 9.73
CA PHE A 177 1.85 32.68 8.83
C PHE A 177 3.09 31.91 8.36
N SER A 178 4.24 32.20 8.96
CA SER A 178 5.46 31.44 8.77
C SER A 178 5.27 30.21 9.70
N GLY A 179 5.95 29.11 9.40
CA GLY A 179 5.80 27.93 10.24
C GLY A 179 7.09 27.36 10.75
N GLU A 180 7.00 26.46 11.72
CA GLU A 180 8.13 25.77 12.27
C GLU A 180 7.76 24.32 12.47
N VAL A 181 8.68 23.40 12.13
CA VAL A 181 8.44 21.99 12.34
C VAL A 181 8.68 21.73 13.83
N ILE A 182 7.58 21.69 14.59
CA ILE A 182 7.67 21.49 16.03
C ILE A 182 7.75 20.02 16.41
N ALA A 183 7.31 19.10 15.53
CA ALA A 183 7.35 17.67 15.84
C ALA A 183 7.62 16.84 14.58
N GLU A 184 8.12 15.60 14.76
CA GLU A 184 8.44 14.77 13.60
C GLU A 184 8.68 13.30 13.97
N ASP A 185 8.20 12.39 13.15
CA ASP A 185 8.48 10.96 13.23
C ASP A 185 8.88 10.54 11.82
N ARG A 186 9.97 9.79 11.69
CA ARG A 186 10.43 9.38 10.37
C ARG A 186 11.22 8.07 10.35
N CYS A 187 11.40 7.53 9.14
CA CYS A 187 12.28 6.39 8.88
C CYS A 187 13.72 6.89 9.16
N ALA A 188 14.56 6.06 9.80
CA ALA A 188 15.93 6.49 10.12
C ALA A 188 16.72 6.99 8.90
N GLU A 189 16.46 6.37 7.72
CA GLU A 189 17.12 6.67 6.45
C GLU A 189 16.79 8.04 5.92
N VAL A 190 15.59 8.58 6.22
CA VAL A 190 15.24 9.90 5.69
C VAL A 190 15.81 10.99 6.62
N GLU A 191 16.04 12.19 6.05
CA GLU A 191 16.60 13.32 6.80
C GLU A 191 15.56 14.00 7.67
N SER A 192 16.05 14.76 8.66
CA SER A 192 15.17 15.46 9.58
C SER A 192 14.93 16.90 9.16
N LYS A 193 13.77 17.40 9.55
CA LYS A 193 13.38 18.78 9.33
C LYS A 193 12.98 19.47 10.68
N LEU A 194 13.11 18.76 11.82
CA LEU A 194 12.76 19.25 13.13
C LEU A 194 13.43 20.58 13.47
N GLY A 195 12.62 21.54 13.89
CA GLY A 195 13.05 22.88 14.28
C GLY A 195 13.15 23.90 13.17
N LEU A 196 13.07 23.47 11.90
CA LEU A 196 13.21 24.40 10.77
C LEU A 196 12.04 25.37 10.56
N HIS A 197 12.41 26.62 10.25
CA HIS A 197 11.46 27.69 10.02
C HIS A 197 11.38 27.99 8.54
N TYR A 198 10.20 28.33 8.06
CA TYR A 198 10.00 28.64 6.64
C TYR A 198 9.12 29.86 6.51
N PRO A 199 9.29 30.67 5.47
CA PRO A 199 8.43 31.85 5.30
C PRO A 199 6.96 31.52 5.04
N ALA A 200 6.06 32.52 5.15
CA ALA A 200 4.64 32.35 4.87
C ALA A 200 4.36 32.00 3.39
N SER A 201 5.28 32.37 2.48
CA SER A 201 5.20 32.13 1.04
C SER A 201 5.16 30.64 0.71
N THR A 202 5.79 29.78 1.55
CA THR A 202 5.81 28.32 1.37
C THR A 202 4.41 27.71 1.38
N VAL A 203 3.50 28.25 2.21
CA VAL A 203 2.09 27.83 2.21
C VAL A 203 1.31 29.14 2.09
N PRO A 204 1.05 29.60 0.87
CA PRO A 204 0.41 30.91 0.68
C PRO A 204 -1.03 31.00 1.15
N ALA A 205 -1.52 32.24 1.35
CA ALA A 205 -2.86 32.56 1.83
C ALA A 205 -4.01 31.88 1.10
N GLN A 206 -3.88 31.62 -0.21
CA GLN A 206 -4.96 30.95 -0.94
C GLN A 206 -4.89 29.42 -0.80
N ALA A 207 -3.69 28.85 -0.50
CA ALA A 207 -3.59 27.41 -0.23
C ALA A 207 -4.24 27.21 1.16
N ARG A 208 -3.82 28.04 2.16
CA ARG A 208 -4.32 28.06 3.52
C ARG A 208 -5.83 28.18 3.60
N ARG A 209 -6.45 28.94 2.68
CA ARG A 209 -7.90 29.13 2.67
C ARG A 209 -8.63 27.83 2.32
N LEU A 210 -8.15 27.12 1.28
CA LEU A 210 -8.74 25.85 0.84
C LEU A 210 -8.57 24.72 1.90
N TYR A 211 -7.60 24.90 2.84
CA TYR A 211 -7.39 23.88 3.87
CA TYR A 211 -7.36 23.96 3.95
C TYR A 211 -8.42 24.03 5.01
N THR A 212 -8.98 25.25 5.18
CA THR A 212 -10.07 25.51 6.13
C THR A 212 -11.42 25.00 5.55
N ILE A 213 -11.48 24.71 4.23
CA ILE A 213 -12.67 24.22 3.53
C ILE A 213 -12.60 22.70 3.41
N ASN A 214 -11.53 22.15 2.78
CA ASN A 214 -11.28 20.71 2.62
C ASN A 214 -10.06 20.35 3.47
N PRO A 215 -10.26 19.52 4.52
CA PRO A 215 -9.18 19.32 5.50
C PRO A 215 -7.99 18.45 5.09
N VAL A 216 -8.10 17.63 4.05
CA VAL A 216 -6.98 16.79 3.62
C VAL A 216 -6.62 17.08 2.15
N ARG A 217 -5.35 17.37 1.89
CA ARG A 217 -4.83 17.59 0.56
C ARG A 217 -3.90 16.40 0.23
N ILE A 218 -4.06 15.80 -0.95
CA ILE A 218 -3.18 14.72 -1.38
C ILE A 218 -2.55 14.96 -2.72
N ILE A 219 -1.27 14.65 -2.80
CA ILE A 219 -0.49 14.68 -4.03
C ILE A 219 0.22 13.33 -4.06
N PRO A 220 -0.42 12.27 -4.61
CA PRO A 220 0.22 10.95 -4.63
C PRO A 220 1.51 10.85 -5.45
N ASP A 221 1.73 11.73 -6.44
CA ASP A 221 2.91 11.67 -7.28
C ASP A 221 3.21 13.07 -7.83
N ILE A 222 4.26 13.69 -7.33
CA ILE A 222 4.62 15.04 -7.76
C ILE A 222 4.96 15.11 -9.28
N ASN A 223 5.33 13.97 -9.90
CA ASN A 223 5.67 13.95 -11.33
C ASN A 223 4.48 13.57 -12.23
N TYR A 224 3.25 13.80 -11.76
CA TYR A 224 2.05 13.44 -12.51
C TYR A 224 1.86 14.31 -13.76
N ARG A 225 1.30 13.69 -14.79
CA ARG A 225 0.88 14.43 -15.98
C ARG A 225 -0.59 14.79 -15.73
N PRO A 226 -0.91 16.09 -15.70
CA PRO A 226 -2.30 16.50 -15.43
C PRO A 226 -3.30 15.95 -16.44
N VAL A 227 -4.51 15.54 -15.98
CA VAL A 227 -5.58 15.00 -16.83
C VAL A 227 -6.63 16.09 -16.97
N PRO A 228 -6.91 16.57 -18.20
CA PRO A 228 -7.86 17.69 -18.33
C PRO A 228 -9.32 17.30 -18.19
N VAL A 229 -10.14 18.30 -17.87
CA VAL A 229 -11.57 18.09 -17.74
C VAL A 229 -12.25 18.80 -18.93
N THR A 230 -12.91 18.03 -19.81
CA THR A 230 -13.54 18.59 -21.01
C THR A 230 -15.08 18.53 -21.00
N PRO A 231 -15.77 19.67 -21.26
CA PRO A 231 -15.22 21.01 -21.52
C PRO A 231 -14.72 21.69 -20.26
N ASP A 232 -13.71 22.56 -20.39
CA ASP A 232 -13.16 23.28 -19.24
C ASP A 232 -13.86 24.64 -19.00
N LEU A 233 -15.07 24.81 -19.55
CA LEU A 233 -15.91 26.00 -19.39
C LEU A 233 -17.17 25.54 -18.67
N ASN A 234 -17.60 26.26 -17.63
CA ASN A 234 -18.78 25.86 -16.85
C ASN A 234 -20.06 26.20 -17.61
N PRO A 235 -20.90 25.19 -17.91
CA PRO A 235 -22.11 25.46 -18.70
C PRO A 235 -23.26 26.18 -17.99
N VAL A 236 -22.97 26.83 -16.84
CA VAL A 236 -23.98 27.57 -16.09
C VAL A 236 -23.45 28.98 -15.79
N THR A 237 -22.26 29.09 -15.18
CA THR A 237 -21.68 30.39 -14.84
C THR A 237 -21.02 31.13 -16.02
N GLY A 238 -20.89 30.46 -17.16
CA GLY A 238 -20.23 31.01 -18.33
C GLY A 238 -18.72 30.87 -18.22
N ARG A 239 -18.19 31.24 -17.04
CA ARG A 239 -16.79 31.23 -16.60
C ARG A 239 -16.21 29.79 -16.58
N PRO A 240 -14.89 29.61 -16.76
CA PRO A 240 -14.34 28.24 -16.72
C PRO A 240 -14.55 27.54 -15.38
N ILE A 241 -14.54 26.19 -15.39
CA ILE A 241 -14.79 25.36 -14.19
C ILE A 241 -13.78 25.58 -13.04
N ASP A 242 -14.29 26.06 -11.88
CA ASP A 242 -13.49 26.27 -10.68
C ASP A 242 -13.30 24.93 -9.94
N LEU A 243 -12.10 24.34 -10.02
CA LEU A 243 -11.81 23.06 -9.37
C LEU A 243 -11.12 23.25 -8.01
N SER A 244 -11.21 24.43 -7.38
CA SER A 244 -10.52 24.67 -6.11
C SER A 244 -11.06 23.88 -4.93
N PHE A 245 -12.19 23.19 -5.09
CA PHE A 245 -12.77 22.34 -4.06
C PHE A 245 -12.49 20.85 -4.33
N ALA A 246 -12.05 20.49 -5.55
CA ALA A 246 -11.80 19.11 -5.92
C ALA A 246 -10.55 18.58 -5.26
N ILE A 247 -10.70 17.39 -4.70
CA ILE A 247 -9.66 16.57 -4.08
C ILE A 247 -8.55 16.29 -5.09
N LEU A 248 -8.92 16.02 -6.36
CA LEU A 248 -7.99 15.71 -7.45
C LEU A 248 -7.42 16.94 -8.14
N ARG A 249 -7.73 18.17 -7.70
CA ARG A 249 -7.23 19.38 -8.37
C ARG A 249 -5.71 19.41 -8.53
N SER A 250 -5.26 20.02 -9.64
CA SER A 250 -3.85 20.14 -9.98
C SER A 250 -3.07 21.01 -8.98
N VAL A 251 -1.75 20.83 -8.95
CA VAL A 251 -0.85 21.48 -8.02
C VAL A 251 0.02 22.49 -8.77
N SER A 252 0.27 23.66 -8.14
CA SER A 252 1.12 24.69 -8.70
C SER A 252 2.54 24.14 -8.86
N PRO A 253 3.17 24.41 -10.02
CA PRO A 253 4.53 23.90 -10.27
C PRO A 253 5.55 24.27 -9.20
N CYS A 254 5.39 25.43 -8.57
CA CYS A 254 6.27 25.88 -7.52
C CYS A 254 6.33 24.86 -6.35
N HIS A 255 5.14 24.37 -5.92
CA HIS A 255 5.10 23.41 -4.82
C HIS A 255 5.68 22.08 -5.22
N LEU A 256 5.42 21.65 -6.46
CA LEU A 256 5.97 20.41 -7.00
C LEU A 256 7.49 20.44 -7.04
N GLU A 257 8.07 21.62 -7.41
CA GLU A 257 9.52 21.84 -7.46
C GLU A 257 10.07 21.83 -6.03
N PHE A 258 9.36 22.51 -5.09
CA PHE A 258 9.73 22.53 -3.67
C PHE A 258 9.87 21.08 -3.13
N MET A 259 8.93 20.20 -3.51
CA MET A 259 8.94 18.80 -3.08
C MET A 259 10.03 17.98 -3.74
N ARG A 260 10.29 18.27 -5.01
CA ARG A 260 11.31 17.57 -5.78
C ARG A 260 12.69 17.86 -5.22
N ASN A 261 12.92 19.13 -4.79
CA ASN A 261 14.20 19.54 -4.20
C ASN A 261 14.49 18.79 -2.90
N ILE A 262 13.45 18.38 -2.14
CA ILE A 262 13.68 17.62 -0.92
C ILE A 262 13.56 16.08 -1.10
N GLY A 263 13.40 15.60 -2.33
CA GLY A 263 13.36 14.17 -2.65
C GLY A 263 12.14 13.38 -2.23
N MET A 264 11.01 14.05 -2.04
CA MET A 264 9.78 13.39 -1.64
C MET A 264 8.74 13.46 -2.75
N HIS A 265 8.41 12.30 -3.34
CA HIS A 265 7.51 12.26 -4.48
C HIS A 265 6.03 11.99 -4.15
N GLY A 266 5.71 11.81 -2.87
CA GLY A 266 4.33 11.58 -2.45
C GLY A 266 4.06 12.39 -1.20
N THR A 267 2.96 13.14 -1.16
CA THR A 267 2.65 13.99 -0.03
C THR A 267 1.17 13.96 0.35
N MET A 268 0.88 14.27 1.62
CA MET A 268 -0.45 14.41 2.15
C MET A 268 -0.42 15.36 3.34
N SER A 269 -1.34 16.32 3.39
CA SER A 269 -1.40 17.21 4.55
C SER A 269 -2.80 17.28 5.11
N ILE A 270 -2.90 17.28 6.43
CA ILE A 270 -4.17 17.29 7.14
C ILE A 270 -4.16 18.52 7.98
N SER A 271 -5.14 19.40 7.79
CA SER A 271 -5.16 20.64 8.55
C SER A 271 -5.48 20.44 10.01
N ILE A 272 -4.89 21.27 10.87
CA ILE A 272 -5.22 21.26 12.28
C ILE A 272 -6.07 22.52 12.48
N LEU A 273 -7.38 22.37 12.58
CA LEU A 273 -8.29 23.54 12.67
C LEU A 273 -8.76 23.89 14.06
N ARG A 274 -8.56 25.16 14.42
CA ARG A 274 -9.04 25.74 15.66
C ARG A 274 -10.19 26.64 15.20
N GLY A 275 -11.38 26.07 15.11
CA GLY A 275 -12.54 26.76 14.57
C GLY A 275 -12.34 26.74 13.07
N GLU A 276 -12.31 27.92 12.43
CA GLU A 276 -11.95 27.99 11.00
C GLU A 276 -10.48 28.44 10.83
N ARG A 277 -9.73 28.72 11.93
CA ARG A 277 -8.32 29.12 11.83
C ARG A 277 -7.37 27.92 11.69
N LEU A 278 -6.47 28.00 10.73
CA LEU A 278 -5.48 26.99 10.50
C LEU A 278 -4.33 27.09 11.53
N TRP A 279 -4.33 26.24 12.54
CA TRP A 279 -3.28 26.25 13.58
C TRP A 279 -1.96 25.71 13.03
N GLY A 280 -2.08 24.71 12.17
CA GLY A 280 -0.96 24.04 11.56
C GLY A 280 -1.42 22.93 10.65
N LEU A 281 -0.47 22.12 10.23
CA LEU A 281 -0.68 21.03 9.30
C LEU A 281 -0.01 19.75 9.80
N ILE A 282 -0.58 18.60 9.49
CA ILE A 282 0.07 17.31 9.72
C ILE A 282 0.64 17.03 8.35
N VAL A 283 1.94 17.17 8.17
CA VAL A 283 2.59 17.03 6.87
C VAL A 283 3.19 15.64 6.68
N CYS A 284 2.82 14.93 5.61
CA CYS A 284 3.31 13.56 5.38
C CYS A 284 4.10 13.54 4.07
N HIS A 285 5.32 12.96 4.10
CA HIS A 285 6.15 12.82 2.90
C HIS A 285 6.55 11.40 2.67
N HIS A 286 6.63 11.01 1.40
CA HIS A 286 7.12 9.70 1.00
C HIS A 286 8.18 9.85 -0.09
N ARG A 287 9.24 9.04 -0.03
CA ARG A 287 10.32 9.12 -1.03
C ARG A 287 9.80 8.76 -2.42
N THR A 288 8.98 7.74 -2.52
CA THR A 288 8.39 7.32 -3.78
C THR A 288 6.92 7.75 -3.78
N PRO A 289 6.25 7.80 -4.95
CA PRO A 289 4.80 8.09 -4.95
C PRO A 289 4.05 7.20 -3.95
N TYR A 290 3.10 7.79 -3.24
CA TYR A 290 2.39 7.09 -2.19
C TYR A 290 0.96 7.57 -2.12
N TYR A 291 0.04 6.64 -1.90
CA TYR A 291 -1.37 6.95 -1.87
C TYR A 291 -2.05 6.36 -0.65
N VAL A 292 -2.91 7.15 0.01
CA VAL A 292 -3.71 6.73 1.17
C VAL A 292 -5.15 6.90 0.72
N ASP A 293 -5.93 5.82 0.76
CA ASP A 293 -7.30 5.88 0.26
C ASP A 293 -8.23 6.76 1.15
N LEU A 294 -9.49 6.98 0.72
CA LEU A 294 -10.47 7.79 1.44
C LEU A 294 -10.66 7.33 2.88
N ASP A 295 -10.65 6.03 3.14
CA ASP A 295 -10.76 5.51 4.49
C ASP A 295 -9.63 5.98 5.42
N GLY A 296 -8.40 5.92 4.95
CA GLY A 296 -7.26 6.36 5.73
C GLY A 296 -7.19 7.85 5.87
N ARG A 297 -7.72 8.61 4.90
CA ARG A 297 -7.74 10.06 4.98
C ARG A 297 -8.76 10.51 6.01
N GLN A 298 -9.92 9.85 6.04
CA GLN A 298 -10.94 10.14 7.04
C GLN A 298 -10.44 9.77 8.46
N ALA A 299 -9.66 8.71 8.57
CA ALA A 299 -9.07 8.25 9.82
C ALA A 299 -8.11 9.31 10.34
N CYS A 300 -7.27 9.86 9.46
CA CYS A 300 -6.31 10.93 9.79
C CYS A 300 -6.99 12.22 10.17
N GLU A 301 -8.09 12.53 9.51
CA GLU A 301 -8.94 13.68 9.75
C GLU A 301 -9.46 13.62 11.21
N LEU A 302 -9.93 12.44 11.64
CA LEU A 302 -10.38 12.26 13.01
C LEU A 302 -9.26 12.54 14.03
N VAL A 303 -8.06 12.02 13.78
CA VAL A 303 -6.90 12.22 14.62
C VAL A 303 -6.56 13.72 14.75
N ALA A 304 -6.65 14.46 13.64
CA ALA A 304 -6.43 15.90 13.60
C ALA A 304 -7.48 16.69 14.41
N GLN A 305 -8.73 16.19 14.49
CA GLN A 305 -9.81 16.82 15.24
C GLN A 305 -9.58 16.64 16.73
N VAL A 306 -9.18 15.42 17.13
CA VAL A 306 -8.81 15.08 18.50
C VAL A 306 -7.62 15.96 18.91
N LEU A 307 -6.62 16.06 18.04
CA LEU A 307 -5.42 16.85 18.32
C LEU A 307 -5.73 18.34 18.48
N ALA A 308 -6.59 18.88 17.61
CA ALA A 308 -6.95 20.30 17.67
C ALA A 308 -7.71 20.63 18.97
N TRP A 309 -8.57 19.72 19.40
CA TRP A 309 -9.36 19.88 20.61
C TRP A 309 -8.42 19.85 21.82
N GLN A 310 -7.39 18.97 21.82
CA GLN A 310 -6.44 18.91 22.92
C GLN A 310 -5.54 20.13 22.94
N ILE A 311 -5.16 20.63 21.77
CA ILE A 311 -4.37 21.87 21.65
C ILE A 311 -5.20 23.01 22.29
N GLY A 312 -6.48 23.04 22.03
CA GLY A 312 -7.38 24.04 22.58
C GLY A 312 -7.48 24.07 24.09
N VAL A 313 -7.48 22.90 24.75
CA VAL A 313 -7.55 22.86 26.21
C VAL A 313 -6.17 23.21 26.79
N MET A 314 -5.10 22.69 26.18
CA MET A 314 -3.72 22.93 26.60
C MET A 314 -3.19 24.31 26.25
N GLU A 315 -3.99 25.21 25.64
CA GLU A 315 -3.56 26.56 25.28
C GLU A 315 -4.27 27.66 26.07
N GLY B 24 16.24 -5.09 -13.31
CA GLY B 24 15.03 -5.86 -13.10
C GLY B 24 15.28 -7.33 -13.41
N ALA B 25 15.53 -8.13 -12.38
CA ALA B 25 15.79 -9.55 -12.60
C ALA B 25 15.07 -10.42 -11.57
N ILE B 26 14.81 -11.68 -11.92
CA ILE B 26 14.14 -12.66 -11.08
C ILE B 26 15.02 -13.92 -10.90
N GLN B 27 14.57 -14.88 -10.06
CA GLN B 27 15.23 -16.15 -9.80
C GLN B 27 14.73 -17.17 -10.83
N PRO B 28 15.63 -18.02 -11.36
CA PRO B 28 15.26 -18.89 -12.48
C PRO B 28 14.16 -19.93 -12.29
N HIS B 29 13.88 -20.36 -11.06
CA HIS B 29 12.86 -21.38 -10.83
C HIS B 29 11.43 -20.95 -11.23
N GLY B 30 11.20 -19.67 -11.42
CA GLY B 30 9.87 -19.18 -11.77
C GLY B 30 9.78 -18.33 -13.01
N LEU B 31 8.55 -17.96 -13.39
CA LEU B 31 8.23 -17.11 -14.54
C LEU B 31 7.48 -15.87 -14.05
N LEU B 32 7.80 -14.71 -14.61
CA LEU B 32 7.10 -13.47 -14.24
C LEU B 32 6.50 -12.87 -15.49
N LEU B 33 5.19 -12.60 -15.46
CA LEU B 33 4.48 -11.91 -16.52
C LEU B 33 3.91 -10.64 -15.91
N ALA B 34 4.10 -9.49 -16.56
CA ALA B 34 3.54 -8.21 -16.09
C ALA B 34 2.40 -7.85 -17.05
N LEU B 35 1.20 -7.60 -16.53
CA LEU B 35 0.02 -7.32 -17.34
C LEU B 35 -0.53 -5.93 -17.05
N ALA B 36 -1.14 -5.31 -18.07
CA ALA B 36 -1.82 -4.02 -17.94
C ALA B 36 -3.25 -4.27 -17.41
N ALA B 37 -4.01 -3.22 -17.06
CA ALA B 37 -5.37 -3.39 -16.56
C ALA B 37 -6.30 -4.09 -17.60
N ASP B 38 -6.02 -3.92 -18.91
CA ASP B 38 -6.83 -4.58 -19.95
C ASP B 38 -6.35 -6.00 -20.28
N MET B 39 -5.56 -6.62 -19.38
CA MET B 39 -4.99 -7.96 -19.47
C MET B 39 -3.91 -8.14 -20.55
N THR B 40 -3.47 -7.05 -21.18
CA THR B 40 -2.42 -7.09 -22.20
C THR B 40 -1.07 -7.34 -21.51
N ILE B 41 -0.16 -8.10 -22.14
CA ILE B 41 1.17 -8.36 -21.58
C ILE B 41 2.04 -7.13 -21.84
N VAL B 42 2.70 -6.57 -20.81
CA VAL B 42 3.59 -5.42 -21.00
C VAL B 42 5.07 -5.78 -20.84
N ALA B 43 5.39 -6.87 -20.09
CA ALA B 43 6.75 -7.33 -19.79
C ALA B 43 6.74 -8.81 -19.34
N GLY B 44 7.89 -9.46 -19.42
CA GLY B 44 8.01 -10.85 -18.99
C GLY B 44 9.46 -11.24 -18.75
N SER B 45 9.70 -12.27 -17.92
CA SER B 45 11.04 -12.77 -17.70
C SER B 45 11.52 -13.47 -18.99
N ASP B 46 12.83 -13.45 -19.25
CA ASP B 46 13.36 -14.03 -20.49
C ASP B 46 13.25 -15.56 -20.58
N ASN B 47 12.95 -16.25 -19.46
CA ASN B 47 12.77 -17.71 -19.49
C ASN B 47 11.39 -18.15 -19.96
N LEU B 48 10.52 -17.22 -20.40
CA LEU B 48 9.17 -17.53 -20.87
C LEU B 48 9.17 -18.57 -22.00
N PRO B 49 9.98 -18.44 -23.08
CA PRO B 49 10.03 -19.53 -24.08
C PRO B 49 10.18 -20.96 -23.50
N GLU B 50 11.15 -21.19 -22.58
CA GLU B 50 11.38 -22.50 -21.94
C GLU B 50 10.11 -23.02 -21.26
N ILE B 56 8.57 -15.72 -28.27
CA ILE B 56 9.28 -15.42 -27.03
C ILE B 56 9.45 -13.90 -26.79
N GLY B 57 9.94 -13.17 -27.81
CA GLY B 57 10.11 -11.73 -27.71
C GLY B 57 9.00 -10.92 -28.37
N ALA B 58 7.90 -11.59 -28.77
CA ALA B 58 6.75 -10.93 -29.39
C ALA B 58 5.45 -11.18 -28.61
N LEU B 59 5.57 -11.38 -27.28
CA LEU B 59 4.40 -11.61 -26.42
C LEU B 59 3.75 -10.28 -26.00
N ILE B 60 4.54 -9.19 -25.99
CA ILE B 60 4.10 -7.85 -25.64
C ILE B 60 2.96 -7.42 -26.56
N GLY B 61 1.83 -7.09 -25.96
CA GLY B 61 0.65 -6.67 -26.70
C GLY B 61 -0.44 -7.71 -26.71
N ARG B 62 -0.05 -9.00 -26.72
CA ARG B 62 -1.00 -10.10 -26.75
C ARG B 62 -1.84 -10.17 -25.49
N SER B 63 -3.15 -10.35 -25.65
CA SER B 63 -4.10 -10.42 -24.54
C SER B 63 -3.94 -11.71 -23.72
N ALA B 64 -4.50 -11.74 -22.49
CA ALA B 64 -4.41 -12.91 -21.61
C ALA B 64 -5.16 -14.13 -22.16
N ALA B 65 -6.20 -13.90 -22.96
CA ALA B 65 -6.95 -15.00 -23.57
C ALA B 65 -6.12 -15.73 -24.64
N ASP B 66 -5.25 -15.00 -25.34
CA ASP B 66 -4.41 -15.60 -26.38
C ASP B 66 -3.20 -16.35 -25.82
N VAL B 67 -2.91 -16.22 -24.51
CA VAL B 67 -1.74 -16.85 -23.90
C VAL B 67 -2.12 -18.04 -23.02
N PHE B 68 -3.23 -17.93 -22.30
CA PHE B 68 -3.68 -19.00 -21.41
C PHE B 68 -4.97 -19.66 -21.92
N ASP B 69 -5.37 -20.81 -21.32
CA ASP B 69 -6.61 -21.47 -21.70
C ASP B 69 -7.84 -20.75 -21.11
N SER B 70 -9.06 -21.10 -21.56
CA SER B 70 -10.27 -20.44 -21.06
C SER B 70 -10.54 -20.67 -19.57
N GLU B 71 -9.98 -21.76 -19.01
CA GLU B 71 -10.14 -22.04 -17.59
C GLU B 71 -9.28 -21.06 -16.76
N THR B 72 -8.00 -20.89 -17.14
CA THR B 72 -7.08 -19.97 -16.46
C THR B 72 -7.54 -18.53 -16.60
N HIS B 73 -7.96 -18.14 -17.83
CA HIS B 73 -8.44 -16.80 -18.14
C HIS B 73 -9.62 -16.38 -17.25
N ASN B 74 -10.56 -17.30 -17.00
CA ASN B 74 -11.71 -16.98 -16.17
C ASN B 74 -11.38 -17.07 -14.66
N ARG B 75 -10.35 -17.84 -14.29
CA ARG B 75 -9.87 -17.86 -12.90
C ARG B 75 -9.23 -16.49 -12.62
N LEU B 76 -8.42 -15.98 -13.57
CA LEU B 76 -7.76 -14.69 -13.50
C LEU B 76 -8.76 -13.54 -13.43
N THR B 77 -9.76 -13.52 -14.33
CA THR B 77 -10.77 -12.45 -14.37
C THR B 77 -11.53 -12.37 -13.06
N ILE B 78 -11.96 -13.54 -12.54
CA ILE B 78 -12.71 -13.62 -11.28
C ILE B 78 -11.87 -13.22 -10.06
N ALA B 79 -10.67 -13.80 -9.92
CA ALA B 79 -9.78 -13.45 -8.80
C ALA B 79 -9.33 -11.98 -8.83
N LEU B 80 -9.05 -11.45 -10.03
CA LEU B 80 -8.62 -10.06 -10.21
C LEU B 80 -9.70 -9.05 -9.90
N ALA B 81 -10.98 -9.43 -10.07
CA ALA B 81 -12.08 -8.51 -9.79
C ALA B 81 -12.60 -8.56 -8.34
N GLU B 82 -11.89 -9.24 -7.42
CA GLU B 82 -12.32 -9.35 -6.03
C GLU B 82 -12.23 -8.04 -5.23
N PRO B 83 -12.79 -8.04 -4.02
CA PRO B 83 -12.98 -6.77 -3.30
C PRO B 83 -11.90 -6.54 -2.25
N ALA B 85 -8.42 -5.78 -3.30
CA ALA B 85 -7.58 -6.97 -3.27
C ALA B 85 -6.34 -6.69 -4.09
N ALA B 86 -5.18 -6.71 -3.44
CA ALA B 86 -3.91 -6.39 -4.06
C ALA B 86 -2.99 -7.58 -4.27
N VAL B 87 -3.39 -8.81 -3.84
CA VAL B 87 -2.60 -10.06 -3.96
C VAL B 87 -3.50 -11.34 -3.95
N GLY B 88 -3.14 -12.39 -4.73
CA GLY B 88 -3.86 -13.65 -4.86
C GLY B 88 -3.01 -14.91 -5.09
N ALA B 89 -3.67 -16.12 -5.30
CA ALA B 89 -2.98 -17.44 -5.50
C ALA B 89 -3.69 -18.52 -6.47
N PRO B 90 -3.87 -18.29 -7.81
CA PRO B 90 -4.58 -19.27 -8.65
C PRO B 90 -3.77 -20.29 -9.48
N ILE B 91 -4.45 -21.24 -10.16
CA ILE B 91 -3.81 -22.23 -11.03
C ILE B 91 -3.69 -21.66 -12.47
N THR B 92 -2.55 -21.93 -13.15
CA THR B 92 -2.30 -21.37 -14.47
C THR B 92 -1.80 -22.38 -15.50
N VAL B 93 -2.36 -22.33 -16.73
CA VAL B 93 -1.97 -23.18 -17.86
C VAL B 93 -1.92 -22.37 -19.17
N GLY B 94 -1.02 -22.73 -20.07
CA GLY B 94 -0.90 -22.05 -21.35
C GLY B 94 -1.98 -22.40 -22.36
N PHE B 95 -1.63 -22.39 -23.65
CA PHE B 95 -2.59 -22.70 -24.71
C PHE B 95 -1.93 -23.57 -25.78
N GLY B 102 1.54 -27.67 -15.74
CA GLY B 102 0.75 -26.94 -14.76
C GLY B 102 1.59 -25.98 -13.95
N PHE B 103 1.00 -24.81 -13.57
CA PHE B 103 1.76 -23.83 -12.81
C PHE B 103 0.99 -23.26 -11.65
N ILE B 104 1.71 -22.98 -10.54
CA ILE B 104 1.11 -22.36 -9.37
C ILE B 104 1.33 -20.86 -9.50
N GLY B 105 0.26 -20.13 -9.74
CA GLY B 105 0.33 -18.69 -9.92
C GLY B 105 0.07 -17.89 -8.68
N SER B 106 0.79 -16.78 -8.55
CA SER B 106 0.63 -15.78 -7.49
C SER B 106 0.58 -14.44 -8.21
N TRP B 107 -0.32 -13.57 -7.79
CA TRP B 107 -0.42 -12.26 -8.41
C TRP B 107 -0.43 -11.14 -7.43
N HIS B 108 0.07 -9.98 -7.85
CA HIS B 108 -0.04 -8.77 -7.04
C HIS B 108 -0.21 -7.55 -7.93
N ARG B 109 -0.93 -6.53 -7.45
CA ARG B 109 -1.09 -5.29 -8.21
C ARG B 109 -0.10 -4.29 -7.65
N HIS B 110 0.70 -3.68 -8.51
CA HIS B 110 1.68 -2.69 -8.09
C HIS B 110 2.04 -1.83 -9.28
N ASP B 111 1.98 -0.48 -9.12
CA ASP B 111 2.34 0.50 -10.16
C ASP B 111 1.44 0.37 -11.39
N GLN B 112 0.15 0.17 -11.15
CA GLN B 112 -0.88 0.05 -12.17
C GLN B 112 -0.72 -1.17 -13.10
N LEU B 113 0.07 -2.16 -12.64
CA LEU B 113 0.37 -3.40 -13.34
C LEU B 113 0.02 -4.60 -12.45
N ILE B 114 -0.33 -5.71 -13.07
CA ILE B 114 -0.59 -6.94 -12.35
C ILE B 114 0.58 -7.83 -12.63
N PHE B 115 1.29 -8.25 -11.58
CA PHE B 115 2.43 -9.14 -11.73
C PHE B 115 1.95 -10.54 -11.42
N LEU B 116 2.13 -11.44 -12.36
CA LEU B 116 1.71 -12.80 -12.25
C LEU B 116 2.98 -13.61 -12.24
N GLU B 117 3.19 -14.35 -11.17
CA GLU B 117 4.36 -15.18 -10.99
C GLU B 117 3.97 -16.65 -11.02
N LEU B 118 4.63 -17.42 -11.88
CA LEU B 118 4.32 -18.82 -12.06
C LEU B 118 5.43 -19.67 -11.53
N GLU B 119 5.07 -20.74 -10.86
CA GLU B 119 6.04 -21.64 -10.27
C GLU B 119 5.72 -23.08 -10.59
N PRO B 120 6.73 -23.97 -10.60
CA PRO B 120 6.45 -25.38 -10.82
C PRO B 120 5.80 -25.98 -9.57
N PRO B 121 4.77 -26.84 -9.74
CA PRO B 121 4.12 -27.44 -8.56
C PRO B 121 4.90 -28.63 -8.00
N GLN B 129 -3.70 -36.98 1.25
CA GLN B 129 -4.16 -35.62 1.54
C GLN B 129 -4.19 -35.33 3.05
N ALA B 130 -3.02 -35.53 3.72
CA ALA B 130 -2.78 -35.31 5.15
C ALA B 130 -1.82 -34.13 5.43
N PHE B 131 -1.72 -33.19 4.49
CA PHE B 131 -0.92 -31.98 4.65
C PHE B 131 -1.69 -30.96 5.52
N PHE B 132 -3.02 -30.94 5.39
CA PHE B 132 -3.88 -30.12 6.21
C PHE B 132 -3.87 -30.71 7.63
N ARG B 133 -3.97 -32.05 7.76
CA ARG B 133 -3.90 -32.72 9.05
C ARG B 133 -2.58 -32.41 9.77
N ARG B 134 -1.47 -32.39 9.02
CA ARG B 134 -0.16 -32.08 9.59
C ARG B 134 -0.09 -30.63 10.07
N THR B 135 -0.73 -29.71 9.34
CA THR B 135 -0.77 -28.31 9.74
C THR B 135 -1.67 -28.14 10.97
N ARG B 136 -2.81 -28.85 11.01
CA ARG B 136 -3.70 -28.80 12.16
C ARG B 136 -3.03 -29.36 13.44
N SER B 137 -2.25 -30.45 13.31
CA SER B 137 -1.55 -30.99 14.49
C SER B 137 -0.44 -30.03 14.95
N ALA B 138 0.22 -29.32 14.00
CA ALA B 138 1.23 -28.31 14.31
C ALA B 138 0.61 -27.16 15.14
N ILE B 139 -0.58 -26.68 14.72
CA ILE B 139 -1.34 -25.63 15.38
C ILE B 139 -1.77 -26.08 16.76
N ARG B 140 -2.20 -27.36 16.87
CA ARG B 140 -2.63 -27.96 18.14
C ARG B 140 -1.46 -27.92 19.14
N ARG B 141 -0.24 -28.21 18.68
CA ARG B 141 0.99 -28.18 19.48
C ARG B 141 1.32 -26.78 19.98
N LEU B 142 1.21 -25.78 19.10
CA LEU B 142 1.48 -24.39 19.43
C LEU B 142 0.52 -23.85 20.45
N GLN B 143 -0.76 -24.22 20.32
CA GLN B 143 -1.85 -23.82 21.22
C GLN B 143 -1.69 -24.38 22.62
N ALA B 144 -1.06 -25.57 22.74
CA ALA B 144 -0.81 -26.24 23.99
C ALA B 144 0.43 -25.71 24.72
N ALA B 145 1.31 -24.95 24.02
CA ALA B 145 2.53 -24.41 24.61
C ALA B 145 2.19 -23.26 25.53
N GLU B 146 2.77 -23.24 26.74
CA GLU B 146 2.43 -22.21 27.73
C GLU B 146 3.41 -21.08 27.83
N THR B 147 4.64 -21.30 27.39
CA THR B 147 5.67 -20.27 27.45
C THR B 147 6.13 -19.90 26.04
N LEU B 148 6.68 -18.67 25.88
CA LEU B 148 7.22 -18.17 24.62
C LEU B 148 8.27 -19.11 24.04
N GLU B 149 9.20 -19.60 24.88
CA GLU B 149 10.27 -20.46 24.42
C GLU B 149 9.76 -21.80 23.93
N SER B 150 8.76 -22.36 24.62
N SER B 150 8.76 -22.36 24.62
CA SER B 150 8.17 -23.64 24.27
CA SER B 150 8.17 -23.65 24.25
C SER B 150 7.30 -23.53 23.00
C SER B 150 7.30 -23.53 22.98
N ALA B 151 6.67 -22.36 22.77
CA ALA B 151 5.87 -22.11 21.57
C ALA B 151 6.82 -21.89 20.37
N CYS B 152 7.92 -21.16 20.57
CA CYS B 152 8.89 -20.93 19.52
C CYS B 152 9.62 -22.22 19.15
N ALA B 153 9.88 -23.10 20.13
CA ALA B 153 10.53 -24.39 19.84
C ALA B 153 9.57 -25.28 19.04
N ALA B 154 8.29 -25.30 19.43
CA ALA B 154 7.30 -26.11 18.72
C ALA B 154 7.13 -25.59 17.28
N ALA B 155 7.11 -24.24 17.12
CA ALA B 155 6.97 -23.61 15.81
C ALA B 155 8.08 -24.04 14.86
N ALA B 156 9.36 -24.01 15.33
CA ALA B 156 10.54 -24.40 14.53
C ALA B 156 10.52 -25.89 14.18
N GLN B 157 10.15 -26.75 15.16
CA GLN B 157 10.06 -28.19 14.91
C GLN B 157 8.96 -28.49 13.92
N GLU B 158 7.84 -27.77 13.98
CA GLU B 158 6.71 -28.00 13.09
C GLU B 158 6.99 -27.53 11.68
N VAL B 159 7.66 -26.40 11.53
CA VAL B 159 8.03 -25.90 10.21
C VAL B 159 9.06 -26.83 9.53
N ARG B 160 10.00 -27.41 10.31
CA ARG B 160 10.96 -28.38 9.78
C ARG B 160 10.29 -29.69 9.36
N LYS B 161 9.22 -30.12 10.08
CA LYS B 161 8.50 -31.34 9.71
C LYS B 161 7.65 -31.13 8.45
N ILE B 162 7.07 -29.93 8.32
CA ILE B 162 6.25 -29.51 7.17
C ILE B 162 7.13 -29.35 5.92
N THR B 163 8.31 -28.71 6.05
CA THR B 163 9.17 -28.40 4.91
C THR B 163 10.29 -29.37 4.55
N GLY B 164 10.96 -29.90 5.55
CA GLY B 164 12.12 -30.75 5.32
C GLY B 164 13.41 -29.96 5.18
N PHE B 165 13.46 -28.70 5.70
CA PHE B 165 14.70 -27.92 5.66
C PHE B 165 15.68 -28.51 6.67
N ASP B 166 17.00 -28.27 6.50
CA ASP B 166 17.98 -28.82 7.44
C ASP B 166 17.90 -28.15 8.80
N ARG B 167 17.76 -26.82 8.83
CA ARG B 167 17.72 -26.08 10.09
C ARG B 167 16.63 -25.03 10.06
N VAL B 168 15.78 -24.97 11.08
CA VAL B 168 14.73 -23.96 11.19
C VAL B 168 14.92 -23.24 12.53
N MET B 169 14.99 -21.91 12.51
CA MET B 169 15.27 -21.09 13.67
C MET B 169 14.24 -20.01 13.91
N ILE B 170 14.05 -19.60 15.17
CA ILE B 170 13.19 -18.46 15.49
C ILE B 170 14.10 -17.29 15.80
N TYR B 171 14.15 -16.31 14.91
CA TYR B 171 14.99 -15.14 15.09
C TYR B 171 14.14 -13.99 15.62
N ARG B 172 14.33 -13.58 16.88
CA ARG B 172 13.54 -12.50 17.48
C ARG B 172 14.23 -11.13 17.37
N PHE B 173 13.46 -10.07 17.14
CA PHE B 173 14.01 -8.72 17.06
C PHE B 173 13.90 -7.95 18.36
N ALA B 174 14.94 -7.16 18.67
CA ALA B 174 14.97 -6.26 19.81
C ALA B 174 14.43 -4.89 19.34
N SER B 175 14.14 -3.94 20.26
CA SER B 175 13.62 -2.63 19.86
C SER B 175 14.50 -1.87 18.86
N ASP B 176 15.81 -2.13 18.92
CA ASP B 176 16.85 -1.57 18.05
C ASP B 176 17.07 -2.38 16.76
N PHE B 177 16.16 -3.32 16.44
CA PHE B 177 16.09 -4.21 15.28
C PHE B 177 17.29 -5.13 15.10
N SER B 178 18.11 -5.29 16.14
CA SER B 178 19.15 -6.32 16.16
C SER B 178 18.39 -7.58 16.65
N GLY B 179 18.93 -8.79 16.42
CA GLY B 179 18.23 -9.99 16.84
C GLY B 179 18.99 -11.12 17.48
N GLU B 180 18.26 -12.15 17.89
CA GLU B 180 18.80 -13.35 18.53
C GLU B 180 18.04 -14.61 18.11
N VAL B 181 18.75 -15.73 17.92
CA VAL B 181 18.10 -16.99 17.65
C VAL B 181 17.64 -17.50 19.00
N ILE B 182 16.33 -17.40 19.30
CA ILE B 182 15.81 -17.83 20.60
C ILE B 182 15.34 -19.30 20.60
N ALA B 183 15.15 -19.92 19.44
CA ALA B 183 14.71 -21.31 19.35
C ALA B 183 15.19 -21.91 18.02
N GLU B 184 15.27 -23.26 17.95
CA GLU B 184 15.79 -23.90 16.76
C GLU B 184 15.49 -25.40 16.75
N ASP B 185 15.31 -25.95 15.56
CA ASP B 185 15.16 -27.38 15.33
C ASP B 185 15.99 -27.66 14.10
N ARG B 186 16.90 -28.64 14.17
CA ARG B 186 17.79 -28.93 13.07
C ARG B 186 18.18 -30.39 12.96
N CYS B 187 18.66 -30.77 11.77
CA CYS B 187 19.20 -32.08 11.44
C CYS B 187 20.53 -32.19 12.23
N ALA B 188 20.86 -33.37 12.76
CA ALA B 188 22.09 -33.56 13.53
C ALA B 188 23.39 -33.24 12.76
N GLU B 189 23.32 -33.28 11.43
CA GLU B 189 24.44 -33.02 10.54
C GLU B 189 24.77 -31.54 10.31
N VAL B 190 23.98 -30.62 10.88
CA VAL B 190 24.24 -29.19 10.72
C VAL B 190 24.51 -28.52 12.08
N GLU B 191 25.30 -27.46 12.08
CA GLU B 191 25.67 -26.71 13.28
C GLU B 191 24.48 -25.94 13.91
N SER B 192 24.63 -25.48 15.16
CA SER B 192 23.58 -24.74 15.85
C SER B 192 23.85 -23.25 15.88
N LYS B 193 22.78 -22.46 15.91
CA LYS B 193 22.89 -21.01 16.04
C LYS B 193 22.15 -20.51 17.30
N LEU B 194 21.78 -21.39 18.25
CA LEU B 194 21.06 -21.02 19.47
C LEU B 194 21.76 -20.00 20.36
N GLY B 195 21.06 -18.90 20.61
CA GLY B 195 21.54 -17.83 21.48
C GLY B 195 22.44 -16.78 20.83
N LEU B 196 22.82 -16.97 19.56
CA LEU B 196 23.70 -16.02 18.89
C LEU B 196 22.98 -14.72 18.57
N HIS B 197 23.69 -13.57 18.72
CA HIS B 197 23.10 -12.25 18.44
C HIS B 197 23.69 -11.67 17.16
N TYR B 198 22.87 -10.97 16.39
CA TYR B 198 23.31 -10.37 15.14
C TYR B 198 22.85 -8.92 15.07
N PRO B 199 23.66 -8.05 14.42
CA PRO B 199 23.31 -6.63 14.39
C PRO B 199 22.15 -6.28 13.47
N ALA B 200 21.52 -5.13 13.76
CA ALA B 200 20.38 -4.60 13.01
C ALA B 200 20.62 -4.46 11.52
N SER B 201 21.91 -4.35 11.12
CA SER B 201 22.34 -4.23 9.74
C SER B 201 22.18 -5.55 8.95
N THR B 202 22.09 -6.69 9.64
CA THR B 202 21.96 -8.01 9.00
C THR B 202 20.61 -8.18 8.29
N VAL B 203 19.55 -7.52 8.79
CA VAL B 203 18.24 -7.53 8.17
C VAL B 203 17.85 -6.06 7.98
N PRO B 204 18.37 -5.38 6.93
CA PRO B 204 18.12 -3.93 6.75
C PRO B 204 16.67 -3.46 6.79
N ALA B 205 16.48 -2.14 7.01
CA ALA B 205 15.15 -1.51 7.10
C ALA B 205 14.27 -1.67 5.86
N GLN B 206 14.85 -1.60 4.64
CA GLN B 206 14.05 -1.78 3.43
C GLN B 206 13.58 -3.24 3.37
N ALA B 207 14.49 -4.19 3.67
CA ALA B 207 14.11 -5.61 3.69
C ALA B 207 13.03 -5.86 4.75
N ARG B 208 13.18 -5.30 5.96
CA ARG B 208 12.22 -5.42 7.05
C ARG B 208 10.85 -4.84 6.68
N ARG B 209 10.85 -3.71 5.95
CA ARG B 209 9.61 -3.09 5.50
C ARG B 209 8.89 -4.03 4.51
N LEU B 210 9.65 -4.65 3.61
CA LEU B 210 9.13 -5.62 2.64
C LEU B 210 8.62 -6.91 3.33
N TYR B 211 9.24 -7.33 4.44
CA TYR B 211 8.77 -8.52 5.16
C TYR B 211 7.51 -8.24 5.98
N THR B 212 7.09 -6.98 6.08
CA THR B 212 5.87 -6.60 6.76
C THR B 212 4.66 -6.78 5.81
N ILE B 213 4.86 -6.62 4.49
CA ILE B 213 3.83 -6.80 3.47
C ILE B 213 3.89 -8.20 2.87
N ASN B 214 5.10 -8.70 2.56
CA ASN B 214 5.23 -10.06 2.02
C ASN B 214 5.64 -10.92 3.20
N PRO B 215 4.80 -11.88 3.59
CA PRO B 215 5.11 -12.70 4.76
C PRO B 215 6.16 -13.77 4.51
N VAL B 216 6.35 -14.23 3.26
CA VAL B 216 7.33 -15.28 2.97
C VAL B 216 8.35 -14.82 1.92
N ARG B 217 9.64 -14.98 2.24
CA ARG B 217 10.74 -14.67 1.36
C ARG B 217 11.48 -15.98 1.07
N ILE B 218 11.63 -16.36 -0.21
CA ILE B 218 12.32 -17.59 -0.59
C ILE B 218 13.43 -17.31 -1.57
N ILE B 219 14.49 -18.11 -1.46
CA ILE B 219 15.70 -18.16 -2.29
C ILE B 219 16.08 -19.65 -2.42
N PRO B 220 15.48 -20.40 -3.36
CA PRO B 220 15.84 -21.81 -3.50
C PRO B 220 17.34 -22.08 -3.69
N ASP B 221 18.01 -21.37 -4.61
CA ASP B 221 19.46 -21.55 -4.83
C ASP B 221 20.18 -20.19 -4.73
N ILE B 222 21.07 -20.02 -3.74
CA ILE B 222 21.80 -18.77 -3.59
C ILE B 222 22.79 -18.48 -4.76
N ASN B 223 23.15 -19.50 -5.55
CA ASN B 223 24.08 -19.30 -6.66
C ASN B 223 23.35 -19.20 -8.02
N TYR B 224 22.06 -18.83 -8.01
CA TYR B 224 21.23 -18.72 -9.20
C TYR B 224 21.79 -17.68 -10.17
N ARG B 225 21.51 -17.88 -11.46
CA ARG B 225 21.86 -16.94 -12.51
C ARG B 225 20.57 -16.14 -12.70
N PRO B 226 20.60 -14.83 -12.40
CA PRO B 226 19.38 -14.02 -12.55
C PRO B 226 18.79 -14.06 -13.96
N VAL B 227 17.46 -13.95 -14.07
CA VAL B 227 16.73 -13.91 -15.33
C VAL B 227 16.16 -12.51 -15.50
N PRO B 228 16.60 -11.75 -16.53
CA PRO B 228 16.08 -10.39 -16.69
C PRO B 228 14.63 -10.34 -17.10
N VAL B 229 13.95 -9.27 -16.74
CA VAL B 229 12.57 -9.03 -17.13
C VAL B 229 12.65 -8.04 -18.31
N THR B 230 12.00 -8.37 -19.42
CA THR B 230 12.01 -7.52 -20.62
C THR B 230 10.61 -7.15 -21.04
N PRO B 231 10.31 -5.86 -21.18
CA PRO B 231 11.19 -4.70 -20.92
C PRO B 231 11.26 -4.33 -19.43
N ASP B 232 12.31 -3.61 -19.05
CA ASP B 232 12.45 -3.13 -17.68
C ASP B 232 11.76 -1.78 -17.50
N LEU B 233 10.90 -1.34 -18.43
CA LEU B 233 10.23 -0.06 -18.35
C LEU B 233 8.74 -0.25 -18.23
N ASN B 234 8.14 0.31 -17.17
CA ASN B 234 6.70 0.29 -16.96
C ASN B 234 6.15 1.29 -17.97
N PRO B 235 5.29 0.86 -18.90
CA PRO B 235 4.78 1.80 -19.92
C PRO B 235 3.66 2.73 -19.46
N VAL B 236 3.08 2.45 -18.29
CA VAL B 236 1.97 3.22 -17.72
C VAL B 236 2.50 4.40 -16.90
N THR B 237 3.60 4.20 -16.20
CA THR B 237 4.19 5.23 -15.35
C THR B 237 5.44 5.88 -15.97
N GLY B 238 6.10 5.18 -16.89
CA GLY B 238 7.35 5.68 -17.46
C GLY B 238 8.55 5.53 -16.56
N ARG B 239 8.40 4.80 -15.46
CA ARG B 239 9.46 4.56 -14.49
C ARG B 239 9.94 3.09 -14.61
N PRO B 240 11.08 2.71 -14.00
CA PRO B 240 11.51 1.29 -14.09
C PRO B 240 10.44 0.34 -13.50
N ILE B 241 10.43 -0.89 -14.00
CA ILE B 241 9.53 -1.91 -13.50
C ILE B 241 9.98 -2.27 -12.09
N ASP B 242 9.09 -2.07 -11.11
CA ASP B 242 9.41 -2.31 -9.71
C ASP B 242 8.99 -3.71 -9.25
N LEU B 243 9.97 -4.53 -8.95
CA LEU B 243 9.72 -5.90 -8.53
C LEU B 243 9.86 -6.10 -7.02
N SER B 244 9.75 -5.01 -6.20
CA SER B 244 9.89 -5.08 -4.73
C SER B 244 8.95 -6.06 -4.04
N PHE B 245 7.77 -6.30 -4.64
CA PHE B 245 6.77 -7.17 -4.02
C PHE B 245 6.65 -8.54 -4.64
N ALA B 246 7.59 -8.90 -5.53
CA ALA B 246 7.60 -10.18 -6.24
C ALA B 246 8.27 -11.25 -5.42
N ILE B 247 7.71 -12.46 -5.42
CA ILE B 247 8.27 -13.64 -4.74
C ILE B 247 9.59 -14.03 -5.43
N LEU B 248 9.61 -13.96 -6.78
CA LEU B 248 10.78 -14.35 -7.55
C LEU B 248 11.85 -13.27 -7.66
N ARG B 249 11.64 -12.07 -7.09
N ARG B 249 11.64 -12.07 -7.09
CA ARG B 249 12.61 -10.98 -7.17
CA ARG B 249 12.61 -10.97 -7.17
C ARG B 249 14.04 -11.39 -6.78
C ARG B 249 14.04 -11.39 -6.78
N SER B 250 15.02 -10.82 -7.47
CA SER B 250 16.42 -11.13 -7.23
C SER B 250 16.87 -10.61 -5.87
N VAL B 251 17.88 -11.27 -5.31
CA VAL B 251 18.41 -10.98 -3.98
C VAL B 251 19.68 -10.11 -4.05
N SER B 252 19.84 -9.21 -3.09
CA SER B 252 21.04 -8.39 -2.97
C SER B 252 22.27 -9.31 -2.75
N PRO B 253 23.37 -9.06 -3.50
CA PRO B 253 24.56 -9.91 -3.39
C PRO B 253 25.15 -9.98 -1.98
N CYS B 254 24.96 -8.92 -1.18
CA CYS B 254 25.43 -8.90 0.21
C CYS B 254 24.86 -10.08 1.02
N HIS B 255 23.54 -10.31 0.93
CA HIS B 255 22.91 -11.42 1.66
C HIS B 255 23.32 -12.76 1.07
N LEU B 256 23.55 -12.85 -0.25
CA LEU B 256 23.96 -14.08 -0.90
C LEU B 256 25.38 -14.51 -0.43
N GLU B 257 26.26 -13.52 -0.15
CA GLU B 257 27.61 -13.78 0.36
C GLU B 257 27.54 -14.29 1.80
N PHE B 258 26.64 -13.69 2.61
CA PHE B 258 26.36 -14.08 3.99
C PHE B 258 25.92 -15.56 4.01
N MET B 259 25.05 -15.97 3.07
CA MET B 259 24.54 -17.35 2.98
C MET B 259 25.57 -18.35 2.46
N ARG B 260 26.52 -17.89 1.65
CA ARG B 260 27.62 -18.72 1.13
C ARG B 260 28.57 -19.05 2.31
N ASN B 261 28.84 -18.03 3.16
CA ASN B 261 29.67 -18.08 4.35
C ASN B 261 29.24 -19.16 5.36
N ILE B 262 27.93 -19.33 5.58
CA ILE B 262 27.45 -20.35 6.51
C ILE B 262 27.13 -21.70 5.84
N GLY B 263 27.43 -21.83 4.55
CA GLY B 263 27.28 -23.07 3.80
C GLY B 263 25.87 -23.53 3.54
N MET B 264 24.93 -22.59 3.43
CA MET B 264 23.53 -22.93 3.19
C MET B 264 23.09 -22.27 1.90
N HIS B 265 22.79 -23.09 0.88
CA HIS B 265 22.42 -22.58 -0.45
C HIS B 265 20.92 -22.57 -0.76
N GLY B 266 20.09 -22.85 0.23
CA GLY B 266 18.64 -22.87 0.07
C GLY B 266 18.01 -22.26 1.29
N THR B 267 17.38 -21.07 1.14
CA THR B 267 16.80 -20.38 2.30
C THR B 267 15.34 -19.97 2.12
N MET B 268 14.65 -19.78 3.24
CA MET B 268 13.27 -19.30 3.29
C MET B 268 13.02 -18.67 4.67
N SER B 269 12.54 -17.42 4.71
CA SER B 269 12.17 -16.78 5.94
C SER B 269 10.67 -16.46 5.94
N ILE B 270 10.02 -16.63 7.10
CA ILE B 270 8.60 -16.36 7.26
C ILE B 270 8.43 -15.30 8.34
N SER B 271 7.74 -14.22 8.03
CA SER B 271 7.54 -13.13 8.99
C SER B 271 6.66 -13.51 10.18
N ILE B 272 7.00 -13.02 11.37
CA ILE B 272 6.18 -13.21 12.57
C ILE B 272 5.70 -11.81 12.87
N LEU B 273 4.42 -11.51 12.63
CA LEU B 273 3.90 -10.16 12.84
C LEU B 273 3.06 -10.01 14.10
N ARG B 274 3.35 -8.98 14.89
CA ARG B 274 2.61 -8.68 16.11
C ARG B 274 2.16 -7.25 15.93
N GLY B 275 0.90 -7.09 15.58
CA GLY B 275 0.38 -5.81 15.13
C GLY B 275 0.81 -5.70 13.67
N GLU B 276 1.36 -4.55 13.27
CA GLU B 276 1.95 -4.41 11.94
C GLU B 276 3.50 -4.32 12.08
N ARG B 277 4.05 -4.91 13.15
CA ARG B 277 5.46 -4.87 13.51
C ARG B 277 6.10 -6.22 13.36
N LEU B 278 7.31 -6.22 12.78
CA LEU B 278 8.06 -7.44 12.60
C LEU B 278 8.61 -7.88 13.96
N TRP B 279 7.91 -8.81 14.61
CA TRP B 279 8.35 -9.35 15.88
C TRP B 279 9.63 -10.21 15.69
N GLY B 280 9.67 -10.95 14.60
CA GLY B 280 10.78 -11.83 14.31
C GLY B 280 10.60 -12.54 12.98
N LEU B 281 11.46 -13.51 12.70
CA LEU B 281 11.43 -14.29 11.47
C LEU B 281 11.60 -15.78 11.82
N ILE B 282 10.91 -16.68 11.08
CA ILE B 282 11.17 -18.11 11.17
C ILE B 282 12.13 -18.28 10.02
N VAL B 283 13.40 -18.53 10.30
CA VAL B 283 14.46 -18.65 9.28
C VAL B 283 14.76 -20.11 8.96
N CYS B 284 14.71 -20.49 7.70
CA CYS B 284 14.93 -21.87 7.28
C CYS B 284 16.15 -21.99 6.37
N HIS B 285 17.04 -22.95 6.68
CA HIS B 285 18.28 -23.22 5.93
C HIS B 285 18.38 -24.66 5.49
N HIS B 286 18.89 -24.85 4.29
CA HIS B 286 19.18 -26.16 3.71
C HIS B 286 20.57 -26.05 3.04
N ARG B 287 21.42 -27.06 3.20
CA ARG B 287 22.77 -27.03 2.64
C ARG B 287 22.76 -26.90 1.13
N THR B 288 22.08 -27.80 0.44
CA THR B 288 21.95 -27.72 -1.02
C THR B 288 20.74 -26.83 -1.37
N PRO B 289 20.64 -26.36 -2.63
CA PRO B 289 19.44 -25.60 -3.06
C PRO B 289 18.13 -26.31 -2.70
N TYR B 290 17.20 -25.59 -2.09
CA TYR B 290 15.94 -26.21 -1.65
C TYR B 290 14.72 -25.36 -1.97
N TYR B 291 13.69 -25.99 -2.56
CA TYR B 291 12.43 -25.34 -2.94
C TYR B 291 11.22 -25.94 -2.21
N VAL B 292 10.33 -25.09 -1.68
CA VAL B 292 9.09 -25.48 -1.01
C VAL B 292 7.95 -24.84 -1.79
N ASP B 293 6.96 -25.64 -2.24
CA ASP B 293 5.82 -25.12 -3.03
C ASP B 293 4.96 -24.09 -2.25
N LEU B 294 4.14 -23.28 -2.97
CA LEU B 294 3.27 -22.25 -2.40
C LEU B 294 2.39 -22.78 -1.25
N ASP B 295 1.87 -24.00 -1.38
CA ASP B 295 1.04 -24.60 -0.34
C ASP B 295 1.83 -24.82 0.96
N GLY B 296 3.05 -25.28 0.83
CA GLY B 296 3.95 -25.53 1.95
C GLY B 296 4.33 -24.24 2.65
N ARG B 297 4.63 -23.22 1.86
CA ARG B 297 4.98 -21.90 2.38
C ARG B 297 3.78 -21.26 3.05
N GLN B 298 2.58 -21.45 2.49
CA GLN B 298 1.36 -20.91 3.10
C GLN B 298 0.98 -21.64 4.38
N ALA B 299 1.29 -22.95 4.47
CA ALA B 299 1.11 -23.72 5.71
C ALA B 299 2.10 -23.21 6.78
N CYS B 300 3.33 -22.87 6.38
CA CYS B 300 4.33 -22.32 7.29
C CYS B 300 3.95 -20.95 7.77
N GLU B 301 3.42 -20.13 6.89
CA GLU B 301 2.89 -18.80 7.19
C GLU B 301 1.72 -18.95 8.20
N LEU B 302 0.86 -19.96 8.01
CA LEU B 302 -0.24 -20.20 8.96
C LEU B 302 0.32 -20.50 10.36
N VAL B 303 1.36 -21.38 10.47
CA VAL B 303 2.06 -21.70 11.72
C VAL B 303 2.69 -20.43 12.36
N ALA B 304 3.27 -19.53 11.56
CA ALA B 304 3.85 -18.27 12.05
C ALA B 304 2.76 -17.34 12.59
N GLN B 305 1.59 -17.34 11.93
CA GLN B 305 0.45 -16.54 12.33
C GLN B 305 -0.08 -17.05 13.65
N VAL B 306 -0.13 -18.38 13.83
CA VAL B 306 -0.56 -19.03 15.05
C VAL B 306 0.43 -18.72 16.16
N LEU B 307 1.76 -18.77 15.86
CA LEU B 307 2.80 -18.43 16.84
C LEU B 307 2.62 -16.99 17.31
N ALA B 308 2.39 -16.05 16.39
CA ALA B 308 2.20 -14.65 16.73
C ALA B 308 0.95 -14.48 17.59
N TRP B 309 -0.14 -15.21 17.25
CA TRP B 309 -1.39 -15.21 17.99
C TRP B 309 -1.18 -15.73 19.40
N GLN B 310 -0.30 -16.71 19.60
CA GLN B 310 -0.01 -17.26 20.91
C GLN B 310 0.89 -16.38 21.72
N ILE B 311 1.77 -15.61 21.08
CA ILE B 311 2.64 -14.65 21.79
C ILE B 311 1.76 -13.61 22.49
N GLY B 312 0.72 -13.12 21.78
CA GLY B 312 -0.24 -12.16 22.30
C GLY B 312 -1.23 -12.70 23.32
N VAL B 313 -1.69 -13.97 23.12
CA VAL B 313 -2.58 -14.68 24.04
C VAL B 313 -1.84 -14.90 25.37
N MET B 314 -0.59 -15.37 25.31
N MET B 314 -0.57 -15.36 25.30
CA MET B 314 0.21 -15.58 26.53
CA MET B 314 0.27 -15.59 26.48
C MET B 314 0.40 -14.32 27.37
C MET B 314 0.63 -14.31 27.27
N GLU B 315 0.26 -13.13 26.76
CA GLU B 315 0.43 -11.86 27.44
C GLU B 315 -0.85 -11.40 28.17
N GLU B 316 -2.02 -12.01 27.87
CA GLU B 316 -3.29 -11.67 28.50
C GLU B 316 -3.44 -12.33 29.89
#